data_5Z7A
#
_entry.id   5Z7A
#
_cell.length_a   46.502
_cell.length_b   46.502
_cell.length_c   99.561
_cell.angle_alpha   90.00
_cell.angle_beta   90.00
_cell.angle_gamma   120.00
#
_symmetry.space_group_name_H-M   'P 31'
#
loop_
_entity.id
_entity.type
_entity.pdbx_description
1 polymer 'Calcium-binding and coiled-coil domain-containing protein 2'
2 non-polymer 'SULFATE ION'
3 non-polymer 2,3-DIHYDROXY-1,4-DITHIOBUTANE
4 non-polymer GLYCEROL
5 water water
#
_entity_poly.entity_id   1
_entity_poly.type   'polypeptide(L)'
_entity_poly.pdbx_seq_one_letter_code
;MEETIKDPPTSAVLLDHCHFSQVIFNSVEKFYIPGGDVTCHYTFTQHFIPRRKDWIGIFRVGWKTTREYYTFMWVTLPID
LNNKSAKQQEVQFKAYYLPKDDEYYQFCYVDEDGVVRGASIPFQFR
;
_entity_poly.pdbx_strand_id   A,B
#
loop_
_chem_comp.id
_chem_comp.type
_chem_comp.name
_chem_comp.formula
DTT non-polymer 2,3-DIHYDROXY-1,4-DITHIOBUTANE 'C4 H10 O2 S2'
GOL non-polymer GLYCEROL 'C3 H8 O3'
SO4 non-polymer 'SULFATE ION' 'O4 S -2'
#
# COMPACT_ATOMS: atom_id res chain seq x y z
N CYS A 18 -12.43 6.41 1.24
CA CYS A 18 -12.89 5.04 1.05
C CYS A 18 -12.12 4.36 -0.07
N HIS A 19 -10.82 4.63 -0.16
CA HIS A 19 -10.00 4.16 -1.27
C HIS A 19 -9.10 2.99 -0.91
N PHE A 20 -8.91 2.69 0.38
CA PHE A 20 -7.97 1.65 0.78
C PHE A 20 -8.19 1.24 2.23
N SER A 21 -8.86 0.11 2.45
CA SER A 21 -8.93 -0.46 3.79
C SER A 21 -7.55 -0.89 4.23
N GLN A 22 -7.15 -0.47 5.43
CA GLN A 22 -5.78 -0.62 5.88
C GLN A 22 -5.73 -1.20 7.29
N VAL A 23 -4.52 -1.55 7.71
CA VAL A 23 -4.23 -2.00 9.07
C VAL A 23 -3.34 -0.96 9.72
N ILE A 24 -3.75 -0.49 10.90
CA ILE A 24 -3.06 0.59 11.61
C ILE A 24 -2.31 -0.02 12.79
N PHE A 25 -1.01 0.21 12.85
CA PHE A 25 -0.18 -0.26 13.95
C PHE A 25 -0.18 0.78 15.06
N ASN A 26 -0.37 0.33 16.30
CA ASN A 26 -0.50 1.20 17.45
C ASN A 26 0.64 0.97 18.43
N SER A 27 0.97 2.02 19.19
CA SER A 27 1.93 1.96 20.28
C SER A 27 3.29 1.46 19.81
N VAL A 28 3.67 1.83 18.59
CA VAL A 28 4.96 1.41 18.05
C VAL A 28 6.08 2.18 18.74
N GLU A 29 7.02 1.45 19.32
CA GLU A 29 8.15 2.08 19.99
C GLU A 29 9.11 2.68 18.97
N LYS A 30 9.94 3.61 19.44
CA LYS A 30 11.03 4.11 18.62
C LYS A 30 12.19 3.13 18.57
N PHE A 31 12.31 2.27 19.59
CA PHE A 31 13.37 1.28 19.63
C PHE A 31 12.92 0.13 20.52
N TYR A 32 13.46 -1.05 20.25
CA TYR A 32 13.19 -2.25 21.04
C TYR A 32 14.51 -2.80 21.55
N ILE A 33 14.53 -3.16 22.84
CA ILE A 33 15.77 -3.64 23.44
C ILE A 33 16.18 -4.96 22.78
N PRO A 34 17.44 -5.11 22.35
CA PRO A 34 17.86 -6.38 21.75
C PRO A 34 17.72 -7.54 22.73
N GLY A 35 17.36 -8.70 22.19
CA GLY A 35 17.15 -9.88 22.98
C GLY A 35 15.79 -9.98 23.66
N GLY A 36 14.96 -8.95 23.56
CA GLY A 36 13.65 -8.94 24.20
C GLY A 36 12.55 -9.19 23.18
N ASP A 37 11.52 -9.90 23.62
CA ASP A 37 10.38 -10.16 22.76
C ASP A 37 9.60 -8.88 22.49
N VAL A 38 9.00 -8.80 21.30
CA VAL A 38 8.27 -7.63 20.87
C VAL A 38 6.83 -8.04 20.58
N THR A 39 5.88 -7.30 21.13
CA THR A 39 4.47 -7.48 20.83
C THR A 39 4.01 -6.39 19.89
N CYS A 40 3.43 -6.78 18.76
CA CYS A 40 3.04 -5.85 17.71
C CYS A 40 1.55 -5.57 17.81
N HIS A 41 1.19 -4.34 18.11
CA HIS A 41 -0.20 -3.94 18.30
C HIS A 41 -0.73 -3.28 17.04
N TYR A 42 -1.91 -3.72 16.61
CA TYR A 42 -2.50 -3.22 15.37
C TYR A 42 -4.02 -3.30 15.47
N THR A 43 -4.68 -2.35 14.80
CA THR A 43 -6.13 -2.36 14.65
C THR A 43 -6.48 -2.30 13.18
N PHE A 44 -7.70 -2.71 12.87
CA PHE A 44 -8.20 -2.70 11.49
C PHE A 44 -9.09 -1.49 11.28
N THR A 45 -9.02 -0.93 10.08
CA THR A 45 -10.02 0.05 9.68
C THR A 45 -11.38 -0.64 9.57
N GLN A 46 -12.45 0.17 9.53
CA GLN A 46 -13.80 -0.38 9.65
C GLN A 46 -14.11 -1.37 8.54
N HIS A 47 -13.62 -1.12 7.33
CA HIS A 47 -13.97 -1.94 6.17
C HIS A 47 -12.86 -2.90 5.76
N PHE A 48 -11.80 -3.03 6.56
CA PHE A 48 -10.79 -4.04 6.27
C PHE A 48 -11.25 -5.39 6.77
N ILE A 49 -11.12 -6.41 5.94
CA ILE A 49 -11.53 -7.77 6.27
C ILE A 49 -10.28 -8.64 6.35
N PRO A 50 -9.88 -9.09 7.53
CA PRO A 50 -8.71 -9.97 7.63
C PRO A 50 -9.00 -11.34 7.06
N ARG A 51 -7.97 -11.97 6.52
CA ARG A 51 -8.10 -13.27 5.88
C ARG A 51 -7.13 -14.26 6.52
N ARG A 52 -7.30 -15.53 6.15
CA ARG A 52 -6.60 -16.62 6.83
C ARG A 52 -5.10 -16.46 6.76
N LYS A 53 -4.56 -16.28 5.56
CA LYS A 53 -3.11 -16.29 5.36
C LYS A 53 -2.52 -14.89 5.24
N ASP A 54 -3.16 -13.88 5.82
CA ASP A 54 -2.49 -12.61 6.01
C ASP A 54 -1.34 -12.78 7.01
N TRP A 55 -0.35 -11.90 6.92
CA TRP A 55 0.78 -11.98 7.84
C TRP A 55 1.35 -10.60 8.09
N ILE A 56 1.96 -10.43 9.26
CA ILE A 56 2.65 -9.22 9.63
C ILE A 56 4.14 -9.55 9.62
N GLY A 57 4.87 -8.93 8.71
CA GLY A 57 6.29 -9.17 8.54
C GLY A 57 7.12 -7.99 9.01
N ILE A 58 8.35 -8.27 9.41
CA ILE A 58 9.32 -7.25 9.77
C ILE A 58 10.26 -7.05 8.60
N PHE A 59 10.27 -5.85 8.04
CA PHE A 59 11.04 -5.54 6.84
C PHE A 59 12.06 -4.45 7.15
N ARG A 60 13.16 -4.47 6.42
CA ARG A 60 14.07 -3.33 6.41
C ARG A 60 13.40 -2.17 5.70
N VAL A 61 13.63 -0.96 6.19
CA VAL A 61 13.04 0.22 5.56
C VAL A 61 13.54 0.34 4.14
N GLY A 62 12.67 0.77 3.24
CA GLY A 62 13.02 0.83 1.84
C GLY A 62 12.95 -0.48 1.10
N TRP A 63 12.30 -1.49 1.68
CA TRP A 63 12.09 -2.75 0.97
C TRP A 63 11.32 -2.52 -0.32
N LYS A 64 11.49 -3.42 -1.27
CA LYS A 64 10.86 -3.28 -2.57
C LYS A 64 9.91 -4.42 -2.92
N THR A 65 10.14 -5.62 -2.40
CA THR A 65 9.26 -6.76 -2.65
C THR A 65 8.79 -7.36 -1.33
N THR A 66 7.63 -8.01 -1.36
CA THR A 66 7.07 -8.60 -0.15
C THR A 66 7.86 -9.79 0.33
N ARG A 67 8.73 -10.37 -0.50
CA ARG A 67 9.55 -11.50 -0.11
C ARG A 67 10.81 -11.09 0.64
N GLU A 68 11.01 -9.78 0.88
CA GLU A 68 12.16 -9.28 1.59
C GLU A 68 11.95 -9.22 3.10
N TYR A 69 10.99 -9.97 3.63
CA TYR A 69 10.76 -10.00 5.06
C TYR A 69 11.90 -10.70 5.78
N TYR A 70 12.12 -10.31 7.03
CA TYR A 70 13.14 -10.94 7.87
C TYR A 70 12.56 -11.97 8.82
N THR A 71 11.38 -11.69 9.37
CA THR A 71 10.57 -12.69 10.04
C THR A 71 9.13 -12.23 9.98
N PHE A 72 8.21 -13.17 10.09
CA PHE A 72 6.80 -12.87 9.93
C PHE A 72 6.00 -13.69 10.93
N MET A 73 4.74 -13.28 11.10
CA MET A 73 3.78 -13.99 11.93
C MET A 73 2.43 -13.92 11.25
N TRP A 74 1.72 -15.05 11.22
CA TRP A 74 0.37 -15.06 10.71
C TRP A 74 -0.50 -14.14 11.57
N VAL A 75 -1.50 -13.53 10.93
CA VAL A 75 -2.34 -12.57 11.63
C VAL A 75 -3.19 -13.30 12.67
N THR A 76 -3.36 -12.68 13.84
CA THR A 76 -4.31 -13.17 14.82
C THR A 76 -5.71 -13.00 14.26
N LEU A 77 -6.22 -14.02 13.57
CA LEU A 77 -7.50 -13.91 12.88
C LEU A 77 -8.61 -13.64 13.89
N PRO A 78 -9.29 -12.48 13.81
CA PRO A 78 -10.42 -12.23 14.71
C PRO A 78 -11.54 -13.22 14.44
N ILE A 79 -11.77 -14.13 15.38
CA ILE A 79 -12.64 -15.28 15.16
C ILE A 79 -14.11 -14.88 15.12
N ASP A 80 -14.40 -13.59 15.36
CA ASP A 80 -15.77 -13.14 15.42
C ASP A 80 -15.95 -11.73 14.85
N LEU A 81 -15.09 -11.34 13.90
CA LEU A 81 -15.19 -10.06 13.20
C LEU A 81 -15.39 -8.86 14.13
N ALA A 86 -14.69 -3.80 15.59
CA ALA A 86 -13.24 -3.63 15.55
C ALA A 86 -12.67 -3.54 16.96
N LYS A 87 -11.52 -4.19 17.17
CA LYS A 87 -10.90 -4.25 18.48
C LYS A 87 -9.39 -4.26 18.31
N GLN A 88 -8.68 -4.04 19.41
CA GLN A 88 -7.23 -4.08 19.41
C GLN A 88 -6.73 -5.51 19.27
N GLN A 89 -5.87 -5.74 18.29
CA GLN A 89 -5.24 -7.03 18.06
C GLN A 89 -3.75 -6.93 18.40
N GLU A 90 -3.11 -8.09 18.48
CA GLU A 90 -1.68 -8.13 18.78
C GLU A 90 -1.09 -9.44 18.32
N VAL A 91 0.20 -9.40 18.00
CA VAL A 91 0.98 -10.58 17.69
C VAL A 91 2.36 -10.41 18.31
N GLN A 92 2.91 -11.49 18.85
CA GLN A 92 4.16 -11.44 19.59
C GLN A 92 5.29 -11.99 18.73
N PHE A 93 6.34 -11.18 18.55
CA PHE A 93 7.52 -11.58 17.81
C PHE A 93 8.57 -12.06 18.82
N LYS A 94 8.94 -13.33 18.72
CA LYS A 94 9.95 -13.87 19.62
C LYS A 94 11.33 -13.32 19.28
N ALA A 95 12.13 -13.06 20.32
CA ALA A 95 13.43 -12.43 20.14
C ALA A 95 14.38 -13.29 19.32
N TYR A 96 14.15 -14.60 19.25
CA TYR A 96 15.03 -15.46 18.47
C TYR A 96 14.89 -15.21 16.97
N TYR A 97 13.70 -14.80 16.53
CA TYR A 97 13.47 -14.53 15.12
C TYR A 97 13.70 -13.08 14.73
N LEU A 98 14.10 -12.22 15.70
CA LEU A 98 14.24 -10.80 15.44
C LEU A 98 15.66 -10.44 15.01
N PRO A 99 15.82 -9.41 14.19
CA PRO A 99 17.16 -9.01 13.75
C PRO A 99 17.98 -8.43 14.90
N LYS A 100 19.30 -8.50 14.73
CA LYS A 100 20.23 -8.05 15.76
C LYS A 100 21.11 -6.89 15.30
N ASP A 101 20.96 -6.41 14.08
CA ASP A 101 21.86 -5.42 13.52
C ASP A 101 21.35 -4.01 13.81
N ASP A 102 21.90 -3.01 13.12
CA ASP A 102 21.63 -1.61 13.37
C ASP A 102 20.78 -0.96 12.28
N GLU A 103 20.08 -1.76 11.48
CA GLU A 103 19.26 -1.20 10.42
C GLU A 103 17.93 -0.68 10.98
N TYR A 104 17.24 0.10 10.15
CA TYR A 104 15.91 0.59 10.50
C TYR A 104 14.86 -0.39 9.98
N TYR A 105 13.96 -0.81 10.85
CA TYR A 105 12.95 -1.80 10.52
C TYR A 105 11.56 -1.22 10.74
N GLN A 106 10.55 -1.97 10.27
CA GLN A 106 9.17 -1.54 10.39
C GLN A 106 8.27 -2.77 10.26
N PHE A 107 7.07 -2.65 10.84
CA PHE A 107 6.05 -3.66 10.63
C PHE A 107 5.34 -3.42 9.31
N CYS A 108 4.91 -4.51 8.68
CA CYS A 108 4.16 -4.43 7.43
C CYS A 108 3.09 -5.51 7.41
N TYR A 109 1.87 -5.11 7.07
CA TYR A 109 0.74 -6.04 6.95
C TYR A 109 0.59 -6.42 5.49
N VAL A 110 0.86 -7.69 5.18
CA VAL A 110 0.70 -8.23 3.83
C VAL A 110 -0.42 -9.25 3.87
N ASP A 111 -1.45 -9.04 3.05
CA ASP A 111 -2.62 -9.89 3.09
C ASP A 111 -2.43 -11.12 2.21
N GLU A 112 -3.51 -11.92 2.09
CA GLU A 112 -3.46 -13.17 1.35
C GLU A 112 -2.97 -12.97 -0.08
N ASP A 113 -3.42 -11.90 -0.73
CA ASP A 113 -3.13 -11.68 -2.14
C ASP A 113 -1.76 -11.02 -2.37
N GLY A 114 -1.04 -10.65 -1.32
CA GLY A 114 0.30 -10.14 -1.44
C GLY A 114 0.42 -8.62 -1.45
N VAL A 115 -0.70 -7.89 -1.45
CA VAL A 115 -0.65 -6.44 -1.40
C VAL A 115 -0.50 -6.00 0.05
N VAL A 116 0.35 -5.00 0.28
CA VAL A 116 0.61 -4.53 1.63
C VAL A 116 -0.49 -3.55 2.04
N ARG A 117 -1.09 -3.79 3.21
CA ARG A 117 -2.17 -2.95 3.72
C ARG A 117 -1.75 -2.09 4.91
N GLY A 118 -0.55 -2.26 5.42
CA GLY A 118 -0.09 -1.48 6.55
C GLY A 118 1.42 -1.38 6.57
N ALA A 119 1.91 -0.27 7.11
CA ALA A 119 3.34 -0.04 7.26
C ALA A 119 3.54 0.83 8.49
N SER A 120 4.28 0.32 9.47
CA SER A 120 4.43 1.00 10.75
C SER A 120 5.55 2.02 10.71
N ILE A 121 5.56 2.89 11.73
CA ILE A 121 6.64 3.86 11.90
C ILE A 121 7.96 3.10 12.04
N PRO A 122 9.05 3.57 11.44
CA PRO A 122 10.32 2.85 11.57
C PRO A 122 10.81 2.78 13.01
N PHE A 123 11.65 1.78 13.28
CA PHE A 123 12.24 1.60 14.58
C PHE A 123 13.55 0.85 14.43
N GLN A 124 14.37 0.90 15.48
CA GLN A 124 15.61 0.13 15.53
C GLN A 124 15.55 -0.87 16.67
N PHE A 125 16.48 -1.83 16.63
CA PHE A 125 16.65 -2.79 17.71
C PHE A 125 17.92 -2.37 18.46
N ARG A 126 17.74 -1.46 19.42
CA ARG A 126 18.86 -0.91 20.18
C ARG A 126 18.45 -0.58 21.61
N CYS B 18 8.48 8.36 8.83
CA CYS B 18 7.62 8.05 7.69
C CYS B 18 8.03 6.73 7.05
N HIS B 19 7.03 5.91 6.75
CA HIS B 19 7.24 4.50 6.45
C HIS B 19 7.28 4.20 4.96
N PHE B 20 6.49 4.89 4.16
CA PHE B 20 6.19 4.46 2.79
C PHE B 20 6.27 5.65 1.86
N SER B 21 7.24 5.62 0.94
CA SER B 21 7.22 6.56 -0.17
C SER B 21 6.02 6.26 -1.07
N GLN B 22 5.21 7.29 -1.32
CA GLN B 22 3.92 7.10 -1.96
C GLN B 22 3.79 8.02 -3.17
N VAL B 23 2.78 7.72 -3.98
CA VAL B 23 2.35 8.59 -5.08
C VAL B 23 0.95 9.07 -4.75
N ILE B 24 0.78 10.39 -4.65
CA ILE B 24 -0.50 11.00 -4.28
C ILE B 24 -1.10 11.63 -5.53
N PHE B 25 -2.37 11.30 -5.79
CA PHE B 25 -3.08 11.85 -6.94
C PHE B 25 -3.75 13.15 -6.56
N ASN B 26 -3.67 14.14 -7.46
CA ASN B 26 -4.22 15.47 -7.24
C ASN B 26 -5.35 15.74 -8.22
N SER B 27 -6.24 16.65 -7.82
CA SER B 27 -7.33 17.15 -8.66
C SER B 27 -8.20 16.01 -9.19
N VAL B 28 -8.37 14.96 -8.39
CA VAL B 28 -9.21 13.84 -8.80
C VAL B 28 -10.67 14.28 -8.77
N GLU B 29 -11.33 14.21 -9.92
CA GLU B 29 -12.72 14.61 -10.00
C GLU B 29 -13.62 13.58 -9.34
N LYS B 30 -14.75 14.05 -8.80
CA LYS B 30 -15.74 13.13 -8.23
C LYS B 30 -16.39 12.28 -9.31
N PHE B 31 -16.51 12.80 -10.53
CA PHE B 31 -17.09 12.07 -11.65
C PHE B 31 -16.41 12.51 -12.93
N TYR B 32 -16.37 11.60 -13.90
CA TYR B 32 -15.82 11.88 -15.22
C TYR B 32 -16.89 11.59 -16.27
N ILE B 33 -16.99 12.47 -17.25
CA ILE B 33 -18.06 12.33 -18.25
C ILE B 33 -17.88 11.03 -19.01
N PRO B 34 -18.96 10.30 -19.32
CA PRO B 34 -18.83 9.16 -20.22
C PRO B 34 -18.45 9.62 -21.62
N GLY B 35 -17.49 8.93 -22.21
CA GLY B 35 -17.01 9.25 -23.55
C GLY B 35 -15.91 10.29 -23.60
N GLY B 36 -15.56 10.89 -22.47
CA GLY B 36 -14.51 11.90 -22.43
C GLY B 36 -13.21 11.35 -21.89
N ASP B 37 -12.10 11.88 -22.40
CA ASP B 37 -10.78 11.50 -21.92
C ASP B 37 -10.59 12.02 -20.49
N VAL B 38 -9.66 11.38 -19.77
CA VAL B 38 -9.40 11.69 -18.37
C VAL B 38 -7.91 11.95 -18.20
N THR B 39 -7.57 13.14 -17.71
CA THR B 39 -6.21 13.46 -17.33
C THR B 39 -6.01 13.09 -15.87
N CYS B 40 -5.00 12.27 -15.60
CA CYS B 40 -4.70 11.79 -14.25
C CYS B 40 -3.50 12.55 -13.71
N HIS B 41 -3.73 13.37 -12.68
CA HIS B 41 -2.68 14.17 -12.07
C HIS B 41 -2.17 13.52 -10.79
N TYR B 42 -0.85 13.51 -10.63
CA TYR B 42 -0.24 12.84 -9.49
C TYR B 42 1.12 13.47 -9.22
N THR B 43 1.56 13.37 -7.97
CA THR B 43 2.88 13.84 -7.55
C THR B 43 3.54 12.78 -6.69
N PHE B 44 4.85 12.60 -6.89
CA PHE B 44 5.62 11.70 -6.04
C PHE B 44 5.98 12.39 -4.74
N THR B 45 6.07 11.60 -3.67
CA THR B 45 6.65 12.11 -2.44
C THR B 45 8.14 12.35 -2.64
N GLN B 46 8.76 13.01 -1.66
CA GLN B 46 10.13 13.47 -1.82
C GLN B 46 11.08 12.30 -2.06
N HIS B 47 10.88 11.19 -1.37
CA HIS B 47 11.80 10.05 -1.45
C HIS B 47 11.32 8.94 -2.37
N PHE B 48 10.19 9.13 -3.06
CA PHE B 48 9.74 8.09 -3.98
C PHE B 48 10.59 8.10 -5.25
N ILE B 49 11.04 6.92 -5.64
CA ILE B 49 11.87 6.78 -6.84
C ILE B 49 11.07 6.03 -7.91
N PRO B 50 10.50 6.75 -8.87
CA PRO B 50 9.75 6.07 -9.93
C PRO B 50 10.66 5.31 -10.88
N ARG B 51 10.13 4.22 -11.42
CA ARG B 51 10.87 3.36 -12.32
C ARG B 51 10.13 3.24 -13.65
N ARG B 52 10.84 2.71 -14.65
CA ARG B 52 10.34 2.75 -16.03
C ARG B 52 9.07 1.93 -16.19
N LYS B 53 8.99 0.76 -15.55
CA LYS B 53 7.88 -0.15 -15.73
C LYS B 53 6.84 -0.05 -14.62
N ASP B 54 6.86 1.04 -13.85
CA ASP B 54 5.71 1.35 -13.01
C ASP B 54 4.53 1.74 -13.91
N TRP B 55 3.32 1.62 -13.36
CA TRP B 55 2.15 1.95 -14.15
C TRP B 55 1.05 2.48 -13.25
N ILE B 56 0.14 3.24 -13.85
CA ILE B 56 -1.05 3.77 -13.19
C ILE B 56 -2.26 3.09 -13.81
N GLY B 57 -2.98 2.31 -13.01
CA GLY B 57 -4.13 1.59 -13.50
C GLY B 57 -5.45 2.10 -12.97
N ILE B 58 -6.53 1.77 -13.65
CA ILE B 58 -7.88 2.08 -13.20
C ILE B 58 -8.49 0.79 -12.64
N PHE B 59 -8.80 0.79 -11.35
CA PHE B 59 -9.31 -0.39 -10.67
C PHE B 59 -10.71 -0.10 -10.12
N ARG B 60 -11.53 -1.15 -10.07
CA ARG B 60 -12.78 -1.06 -9.33
C ARG B 60 -12.48 -0.98 -7.84
N VAL B 61 -13.23 -0.13 -7.14
CA VAL B 61 -13.04 0.00 -5.70
C VAL B 61 -13.30 -1.34 -5.03
N GLY B 62 -12.37 -1.76 -4.19
CA GLY B 62 -12.45 -3.07 -3.57
C GLY B 62 -11.65 -4.15 -4.25
N TRP B 63 -10.81 -3.79 -5.23
CA TRP B 63 -9.93 -4.76 -5.86
C TRP B 63 -9.04 -5.42 -4.82
N LYS B 64 -8.60 -6.65 -5.12
CA LYS B 64 -7.75 -7.40 -4.21
C LYS B 64 -6.38 -7.73 -4.77
N THR B 65 -6.20 -7.73 -6.09
CA THR B 65 -4.90 -7.99 -6.70
C THR B 65 -4.67 -7.00 -7.82
N THR B 66 -3.39 -6.78 -8.14
CA THR B 66 -3.03 -5.78 -9.13
C THR B 66 -3.42 -6.20 -10.54
N ARG B 67 -3.61 -7.49 -10.80
CA ARG B 67 -3.99 -7.96 -12.12
C ARG B 67 -5.46 -7.70 -12.43
N GLU B 68 -6.22 -7.11 -11.49
CA GLU B 68 -7.61 -6.76 -11.71
C GLU B 68 -7.78 -5.36 -12.31
N TYR B 69 -6.74 -4.82 -12.93
CA TYR B 69 -6.84 -3.52 -13.58
C TYR B 69 -7.76 -3.62 -14.79
N TYR B 70 -8.52 -2.55 -15.02
CA TYR B 70 -9.37 -2.47 -16.20
C TYR B 70 -8.71 -1.75 -17.36
N THR B 71 -7.82 -0.79 -17.08
CA THR B 71 -6.91 -0.23 -18.05
C THR B 71 -5.78 0.45 -17.30
N PHE B 72 -4.63 0.55 -17.95
CA PHE B 72 -3.43 1.07 -17.30
C PHE B 72 -2.64 1.93 -18.26
N MET B 73 -1.74 2.73 -17.70
CA MET B 73 -0.81 3.55 -18.47
C MET B 73 0.52 3.57 -17.77
N TRP B 74 1.60 3.46 -18.55
CA TRP B 74 2.93 3.56 -17.99
C TRP B 74 3.17 4.97 -17.44
N VAL B 75 4.08 5.07 -16.49
CA VAL B 75 4.38 6.37 -15.87
C VAL B 75 5.18 7.25 -16.82
N THR B 76 4.89 8.55 -16.81
CA THR B 76 5.50 9.50 -17.75
C THR B 76 6.88 9.94 -17.26
N LEU B 77 7.87 9.79 -18.11
CA LEU B 77 9.27 10.15 -17.88
C LEU B 77 9.83 10.73 -19.15
N PRO B 78 10.99 11.42 -19.11
CA PRO B 78 12.02 11.61 -18.07
C PRO B 78 11.63 12.60 -17.00
N ILE B 79 12.12 12.38 -15.77
CA ILE B 79 11.86 13.30 -14.67
C ILE B 79 13.11 13.51 -13.83
N ASP B 80 13.85 14.59 -14.09
CA ASP B 80 14.78 15.07 -13.09
C ASP B 80 13.98 15.73 -11.98
N LEU B 81 14.14 15.24 -10.75
CA LEU B 81 13.17 15.48 -9.69
C LEU B 81 13.33 16.81 -8.97
N ASN B 82 13.42 17.91 -9.72
CA ASN B 82 13.41 19.24 -9.09
C ASN B 82 11.97 19.73 -9.00
N ASN B 83 11.20 19.03 -8.15
CA ASN B 83 9.74 19.10 -8.00
C ASN B 83 9.07 18.21 -9.05
N GLN B 89 3.14 15.97 -12.97
CA GLN B 89 3.08 14.65 -13.61
C GLN B 89 1.64 14.31 -14.01
N GLU B 90 1.47 13.76 -15.21
CA GLU B 90 0.13 13.39 -15.66
C GLU B 90 0.22 12.33 -16.75
N VAL B 91 -0.73 11.41 -16.75
CA VAL B 91 -0.95 10.47 -17.83
C VAL B 91 -2.36 10.70 -18.37
N GLN B 92 -2.51 10.57 -19.68
CA GLN B 92 -3.80 10.77 -20.33
C GLN B 92 -4.42 9.43 -20.64
N PHE B 93 -5.63 9.21 -20.13
CA PHE B 93 -6.39 7.99 -20.38
C PHE B 93 -7.38 8.27 -21.50
N LYS B 94 -7.15 7.66 -22.67
CA LYS B 94 -8.08 7.81 -23.78
C LYS B 94 -9.44 7.22 -23.42
N ALA B 95 -10.51 7.91 -23.83
CA ALA B 95 -11.86 7.46 -23.51
C ALA B 95 -12.18 6.10 -24.11
N TYR B 96 -11.35 5.59 -25.01
CA TYR B 96 -11.57 4.26 -25.57
C TYR B 96 -11.44 3.19 -24.49
N TYR B 97 -10.40 3.28 -23.68
CA TYR B 97 -10.07 2.26 -22.69
C TYR B 97 -10.74 2.49 -21.35
N LEU B 98 -11.57 3.51 -21.22
CA LEU B 98 -12.16 3.76 -19.92
C LEU B 98 -13.45 2.95 -19.75
N PRO B 99 -13.78 2.55 -18.52
CA PRO B 99 -15.02 1.82 -18.29
C PRO B 99 -16.23 2.69 -18.54
N LYS B 100 -17.35 2.04 -18.89
CA LYS B 100 -18.58 2.74 -19.23
C LYS B 100 -19.72 2.47 -18.26
N ASP B 101 -19.60 1.49 -17.36
CA ASP B 101 -20.69 1.15 -16.46
C ASP B 101 -20.77 2.16 -15.32
N ASP B 102 -21.55 1.83 -14.29
CA ASP B 102 -21.80 2.73 -13.16
C ASP B 102 -21.09 2.28 -11.90
N GLU B 103 -19.95 1.61 -12.03
CA GLU B 103 -19.21 1.16 -10.87
C GLU B 103 -18.33 2.28 -10.32
N TYR B 104 -17.81 2.05 -9.11
CA TYR B 104 -16.89 2.98 -8.47
C TYR B 104 -15.46 2.58 -8.80
N TYR B 105 -14.69 3.54 -9.33
CA TYR B 105 -13.32 3.29 -9.75
C TYR B 105 -12.37 4.21 -9.03
N GLN B 106 -11.07 3.97 -9.23
CA GLN B 106 -10.02 4.77 -8.62
C GLN B 106 -8.72 4.54 -9.38
N PHE B 107 -7.82 5.51 -9.25
CA PHE B 107 -6.47 5.37 -9.77
C PHE B 107 -5.59 4.65 -8.76
N CYS B 108 -4.65 3.86 -9.27
CA CYS B 108 -3.71 3.15 -8.41
C CYS B 108 -2.33 3.14 -9.06
N TYR B 109 -1.31 3.51 -8.30
CA TYR B 109 0.06 3.49 -8.77
C TYR B 109 0.68 2.16 -8.38
N VAL B 110 1.01 1.35 -9.38
CA VAL B 110 1.64 0.05 -9.19
C VAL B 110 3.05 0.12 -9.76
N ASP B 111 4.05 -0.16 -8.94
CA ASP B 111 5.44 -0.02 -9.35
C ASP B 111 5.90 -1.28 -10.09
N GLU B 112 7.20 -1.36 -10.38
CA GLU B 112 7.74 -2.50 -11.11
C GLU B 112 7.55 -3.80 -10.34
N ASP B 113 7.77 -3.77 -9.02
CA ASP B 113 7.68 -4.98 -8.21
C ASP B 113 6.26 -5.37 -7.87
N GLY B 114 5.27 -4.53 -8.17
CA GLY B 114 3.88 -4.88 -7.98
C GLY B 114 3.23 -4.40 -6.70
N VAL B 115 3.92 -3.58 -5.90
CA VAL B 115 3.34 -3.03 -4.69
C VAL B 115 2.65 -1.71 -5.03
N VAL B 116 1.46 -1.51 -4.46
CA VAL B 116 0.66 -0.33 -4.74
C VAL B 116 1.20 0.84 -3.92
N ARG B 117 1.69 1.87 -4.60
CA ARG B 117 2.26 3.05 -3.95
C ARG B 117 1.26 4.19 -3.80
N GLY B 118 0.06 4.06 -4.35
CA GLY B 118 -0.93 5.11 -4.24
C GLY B 118 -2.31 4.69 -4.69
N ALA B 119 -3.34 5.31 -4.13
CA ALA B 119 -4.71 5.03 -4.51
C ALA B 119 -5.51 6.32 -4.37
N SER B 120 -6.25 6.68 -5.42
CA SER B 120 -6.95 7.95 -5.47
C SER B 120 -8.33 7.85 -4.83
N ILE B 121 -8.91 9.02 -4.57
CA ILE B 121 -10.29 9.09 -4.08
C ILE B 121 -11.20 8.43 -5.11
N PRO B 122 -12.21 7.65 -4.71
CA PRO B 122 -13.08 7.00 -5.69
C PRO B 122 -13.84 8.00 -6.55
N PHE B 123 -14.21 7.55 -7.75
CA PHE B 123 -15.01 8.35 -8.66
C PHE B 123 -15.86 7.41 -9.51
N GLN B 124 -16.84 8.00 -10.20
CA GLN B 124 -17.70 7.25 -11.10
C GLN B 124 -17.62 7.86 -12.50
N PHE B 125 -18.04 7.08 -13.48
CA PHE B 125 -18.11 7.53 -14.87
C PHE B 125 -19.56 7.87 -15.16
N ARG B 126 -19.96 9.08 -14.81
CA ARG B 126 -21.34 9.54 -14.98
C ARG B 126 -21.37 11.03 -15.33
S SO4 C . -11.90 2.12 5.63
O1 SO4 C . -11.95 0.75 6.12
O2 SO4 C . -13.26 2.60 5.40
O3 SO4 C . -11.25 2.97 6.63
O4 SO4 C . -11.15 2.17 4.39
S1 DTT D . -1.78 6.09 3.48
C1 DTT D . -0.34 5.29 4.23
C2 DTT D . -0.71 4.48 5.46
O2 DTT D . -0.87 5.33 6.56
C3 DTT D . 0.35 3.42 5.78
O3 DTT D . -0.18 2.50 6.71
C4 DTT D . 0.82 2.70 4.52
S4 DTT D . -0.46 1.69 3.73
C1 GOL E . -3.02 6.36 -0.33
O1 GOL E . -2.79 6.93 -1.57
C2 GOL E . -2.95 4.82 -0.51
O2 GOL E . -3.97 4.17 0.16
C3 GOL E . -1.55 4.43 0.03
O3 GOL E . -1.22 3.21 -0.57
S SO4 F . 8.55 10.04 1.74
O1 SO4 F . 8.59 8.67 2.23
O2 SO4 F . 7.20 10.58 1.88
O3 SO4 F . 9.49 10.86 2.50
O4 SO4 F . 8.92 10.06 0.32
#